data_9BAF
#
_entry.id   9BAF
#
_entity_poly.entity_id   1
_entity_poly.type   'polypeptide(L)'
_entity_poly.pdbx_seq_one_letter_code
;GCCSHPACSRRRARSC(NH2)
;
_entity_poly.pdbx_strand_id   A
#
loop_
_chem_comp.id
_chem_comp.type
_chem_comp.name
_chem_comp.formula
NH2 non-polymer 'AMINO GROUP' 'H2 N'
#
# COMPACT_ATOMS: atom_id res chain seq x y z
N GLY A 1 -1.67 -1.25 8.27
CA GLY A 1 -0.77 -2.00 7.40
C GLY A 1 -0.36 -1.16 6.22
N CYS A 2 0.19 -1.79 5.21
CA CYS A 2 0.67 -1.10 4.01
C CYS A 2 -0.47 -0.43 3.27
N CYS A 3 -1.64 -1.03 3.30
CA CYS A 3 -2.79 -0.48 2.63
C CYS A 3 -3.48 0.58 3.49
N SER A 4 -2.88 0.88 4.62
CA SER A 4 -3.37 1.94 5.48
C SER A 4 -2.47 3.15 5.28
N HIS A 5 -1.42 2.98 4.48
CA HIS A 5 -0.45 4.01 4.20
C HIS A 5 -0.41 4.24 2.69
N PRO A 6 -1.02 5.35 2.21
CA PRO A 6 -1.16 5.68 0.76
C PRO A 6 0.10 5.45 -0.09
N ALA A 7 1.25 5.94 0.37
CA ALA A 7 2.51 5.77 -0.37
C ALA A 7 2.85 4.29 -0.57
N CYS A 8 2.62 3.51 0.45
CA CYS A 8 2.92 2.09 0.41
C CYS A 8 1.89 1.40 -0.48
N SER A 9 0.65 1.83 -0.39
CA SER A 9 -0.44 1.25 -1.16
C SER A 9 -0.27 1.49 -2.67
N ARG A 10 0.23 2.66 -3.04
CA ARG A 10 0.48 2.94 -4.44
C ARG A 10 1.75 2.27 -4.93
N ARG A 11 2.76 2.22 -4.08
CA ARG A 11 4.04 1.61 -4.43
C ARG A 11 3.96 0.09 -4.51
N ARG A 12 3.20 -0.51 -3.62
CA ARG A 12 3.03 -1.93 -3.66
C ARG A 12 1.54 -2.29 -3.50
N ALA A 13 0.84 -2.24 -4.61
CA ALA A 13 -0.59 -2.55 -4.64
C ALA A 13 -0.84 -4.04 -4.46
N ARG A 14 0.22 -4.81 -4.57
CA ARG A 14 0.20 -6.25 -4.43
C ARG A 14 -0.16 -6.64 -2.99
N SER A 15 0.10 -5.74 -2.06
CA SER A 15 -0.20 -5.99 -0.66
C SER A 15 -1.67 -5.71 -0.35
N CYS A 16 -2.39 -5.16 -1.31
CA CYS A 16 -3.79 -4.85 -1.15
C CYS A 16 -4.61 -5.80 -1.99
N NH2 A 17 -4.93 -6.95 -1.44
HN1 NH2 A 17 -4.62 -7.11 -0.52
HN2 NH2 A 17 -5.45 -7.59 -1.97
N GLY A 1 -1.55 -1.65 8.32
CA GLY A 1 -0.86 -2.39 7.27
C GLY A 1 -0.35 -1.47 6.20
N CYS A 2 -0.01 -2.02 5.05
CA CYS A 2 0.49 -1.23 3.94
C CYS A 2 -0.66 -0.48 3.27
N CYS A 3 -1.85 -1.05 3.37
CA CYS A 3 -3.05 -0.43 2.81
C CYS A 3 -3.50 0.76 3.65
N SER A 4 -2.85 0.95 4.77
CA SER A 4 -3.16 2.04 5.66
C SER A 4 -2.29 3.25 5.32
N HIS A 5 -1.35 3.06 4.40
CA HIS A 5 -0.43 4.09 4.03
C HIS A 5 -0.53 4.30 2.53
N PRO A 6 -1.06 5.45 2.08
CA PRO A 6 -1.28 5.75 0.65
C PRO A 6 -0.06 5.47 -0.23
N ALA A 7 1.09 6.01 0.18
CA ALA A 7 2.34 5.82 -0.56
C ALA A 7 2.72 4.35 -0.64
N CYS A 8 2.43 3.60 0.40
CA CYS A 8 2.76 2.19 0.46
C CYS A 8 1.85 1.44 -0.50
N SER A 9 0.57 1.80 -0.52
CA SER A 9 -0.41 1.18 -1.40
C SER A 9 -0.11 1.53 -2.87
N ARG A 10 0.51 2.68 -3.09
CA ARG A 10 0.90 3.09 -4.42
C ARG A 10 2.11 2.30 -4.90
N ARG A 11 3.09 2.12 -4.02
CA ARG A 11 4.30 1.38 -4.33
C ARG A 11 4.02 -0.11 -4.43
N ARG A 12 3.24 -0.60 -3.50
CA ARG A 12 2.89 -1.98 -3.45
C ARG A 12 1.39 -2.16 -3.35
N ALA A 13 0.73 -2.15 -4.48
CA ALA A 13 -0.72 -2.34 -4.51
C ALA A 13 -1.02 -3.82 -4.34
N ARG A 14 -0.05 -4.65 -4.70
CA ARG A 14 -0.15 -6.10 -4.57
C ARG A 14 -0.24 -6.54 -3.11
N SER A 15 0.15 -5.66 -2.21
CA SER A 15 0.09 -5.94 -0.80
C SER A 15 -1.34 -5.77 -0.28
N CYS A 16 -2.18 -5.20 -1.11
CA CYS A 16 -3.56 -5.00 -0.81
C CYS A 16 -4.42 -5.97 -1.61
N NH2 A 17 -4.47 -5.78 -2.91
HN1 NH2 A 17 -3.95 -5.03 -3.30
HN2 NH2 A 17 -5.01 -6.39 -3.46
N GLY A 1 -0.43 0.26 8.73
CA GLY A 1 -0.11 -0.86 7.87
C GLY A 1 0.07 -0.40 6.45
N CYS A 2 0.29 -1.33 5.56
CA CYS A 2 0.57 -1.00 4.17
C CYS A 2 -0.66 -0.47 3.45
N CYS A 3 -1.80 -1.09 3.67
CA CYS A 3 -3.03 -0.71 2.98
C CYS A 3 -3.70 0.50 3.66
N SER A 4 -3.20 0.87 4.80
CA SER A 4 -3.67 2.04 5.47
C SER A 4 -2.75 3.24 5.17
N HIS A 5 -1.62 2.94 4.53
CA HIS A 5 -0.62 3.92 4.19
C HIS A 5 -0.61 4.12 2.67
N PRO A 6 -1.12 5.26 2.17
CA PRO A 6 -1.23 5.57 0.72
C PRO A 6 0.06 5.29 -0.06
N ALA A 7 1.20 5.61 0.54
CA ALA A 7 2.49 5.38 -0.10
C ALA A 7 2.72 3.90 -0.35
N CYS A 8 2.48 3.09 0.65
CA CYS A 8 2.69 1.65 0.53
C CYS A 8 1.63 1.05 -0.37
N SER A 9 0.41 1.57 -0.28
CA SER A 9 -0.69 1.08 -1.08
C SER A 9 -0.46 1.38 -2.58
N ARG A 10 0.23 2.48 -2.86
CA ARG A 10 0.53 2.83 -4.22
C ARG A 10 1.72 2.01 -4.73
N ARG A 11 2.81 2.04 -3.98
CA ARG A 11 4.04 1.37 -4.37
C ARG A 11 3.87 -0.14 -4.39
N ARG A 12 3.22 -0.66 -3.39
CA ARG A 12 2.97 -2.08 -3.30
C ARG A 12 1.50 -2.36 -3.54
N ALA A 13 1.11 -2.30 -4.79
CA ALA A 13 -0.27 -2.47 -5.12
C ALA A 13 -0.69 -3.93 -4.98
N ARG A 14 0.24 -4.83 -5.17
CA ARG A 14 -0.05 -6.26 -5.06
C ARG A 14 -0.26 -6.68 -3.61
N SER A 15 0.16 -5.85 -2.69
CA SER A 15 0.01 -6.12 -1.28
C SER A 15 -1.39 -5.70 -0.80
N CYS A 16 -2.11 -4.96 -1.64
CA CYS A 16 -3.43 -4.50 -1.28
C CYS A 16 -4.46 -4.90 -2.34
N NH2 A 17 -4.45 -4.22 -3.46
HN1 NH2 A 17 -3.78 -3.50 -3.58
HN2 NH2 A 17 -5.10 -4.46 -4.14
N GLY A 1 -0.43 -0.38 8.53
CA GLY A 1 -0.15 -1.35 7.48
C GLY A 1 -0.21 -0.69 6.13
N CYS A 2 0.01 -1.44 5.08
CA CYS A 2 0.03 -0.89 3.74
C CYS A 2 -1.33 -0.49 3.21
N CYS A 3 -2.39 -0.83 3.91
CA CYS A 3 -3.70 -0.40 3.51
C CYS A 3 -4.06 0.90 4.17
N SER A 4 -3.44 1.17 5.30
CA SER A 4 -3.66 2.41 6.00
C SER A 4 -2.57 3.44 5.61
N HIS A 5 -1.49 2.95 5.05
CA HIS A 5 -0.40 3.79 4.57
C HIS A 5 -0.50 3.88 3.04
N PRO A 6 -1.11 4.99 2.53
CA PRO A 6 -1.38 5.20 1.09
C PRO A 6 -0.18 4.92 0.17
N ALA A 7 1.00 5.38 0.58
CA ALA A 7 2.19 5.22 -0.23
C ALA A 7 2.53 3.76 -0.46
N CYS A 8 2.21 2.91 0.48
CA CYS A 8 2.54 1.51 0.33
C CYS A 8 1.55 0.85 -0.63
N SER A 9 0.33 1.39 -0.68
CA SER A 9 -0.68 0.91 -1.62
C SER A 9 -0.24 1.29 -3.04
N ARG A 10 0.29 2.51 -3.16
CA ARG A 10 0.77 3.05 -4.41
C ARG A 10 1.98 2.23 -4.91
N ARG A 11 2.93 2.03 -4.02
CA ARG A 11 4.17 1.33 -4.36
C ARG A 11 3.95 -0.16 -4.61
N ARG A 12 3.13 -0.78 -3.80
CA ARG A 12 2.90 -2.20 -3.93
C ARG A 12 1.42 -2.53 -3.99
N ALA A 13 0.92 -2.68 -5.20
CA ALA A 13 -0.46 -3.02 -5.45
C ALA A 13 -0.75 -4.45 -5.05
N ARG A 14 0.30 -5.27 -5.05
CA ARG A 14 0.14 -6.65 -4.65
C ARG A 14 -0.05 -6.76 -3.14
N SER A 15 0.46 -5.79 -2.42
CA SER A 15 0.35 -5.78 -0.99
C SER A 15 -1.01 -5.22 -0.58
N CYS A 16 -1.43 -4.16 -1.25
CA CYS A 16 -2.71 -3.56 -0.99
C CYS A 16 -3.12 -2.70 -2.18
N NH2 A 17 -4.06 -3.19 -2.93
HN1 NH2 A 17 -4.47 -4.04 -2.67
HN2 NH2 A 17 -4.32 -2.70 -3.74
N GLY A 1 0.92 -0.63 8.82
CA GLY A 1 -0.10 -1.06 7.87
C GLY A 1 0.24 -0.59 6.49
N CYS A 2 0.10 -1.44 5.51
CA CYS A 2 0.43 -1.08 4.16
C CYS A 2 -0.79 -0.51 3.44
N CYS A 3 -1.96 -1.04 3.74
CA CYS A 3 -3.17 -0.64 3.04
C CYS A 3 -3.66 0.73 3.49
N SER A 4 -3.49 1.01 4.78
CA SER A 4 -3.90 2.28 5.34
C SER A 4 -2.92 3.38 4.91
N HIS A 5 -1.70 3.00 4.60
CA HIS A 5 -0.68 3.94 4.21
C HIS A 5 -0.76 4.16 2.69
N PRO A 6 -1.05 5.40 2.26
CA PRO A 6 -1.22 5.74 0.84
C PRO A 6 -0.01 5.32 -0.01
N ALA A 7 1.17 5.70 0.44
CA ALA A 7 2.40 5.39 -0.29
C ALA A 7 2.61 3.90 -0.43
N CYS A 8 2.25 3.13 0.58
CA CYS A 8 2.49 1.70 0.56
C CYS A 8 1.51 1.03 -0.36
N SER A 9 0.27 1.49 -0.35
CA SER A 9 -0.74 0.92 -1.22
C SER A 9 -0.51 1.29 -2.69
N ARG A 10 0.19 2.40 -2.92
CA ARG A 10 0.57 2.77 -4.28
C ARG A 10 1.80 1.97 -4.73
N ARG A 11 2.78 1.86 -3.84
CA ARG A 11 4.03 1.16 -4.13
C ARG A 11 3.80 -0.35 -4.21
N ARG A 12 3.12 -0.87 -3.22
CA ARG A 12 2.83 -2.27 -3.12
C ARG A 12 1.38 -2.53 -3.44
N ALA A 13 1.05 -2.42 -4.71
CA ALA A 13 -0.31 -2.59 -5.18
C ALA A 13 -0.68 -4.06 -5.13
N ARG A 14 0.32 -4.91 -5.16
CA ARG A 14 0.11 -6.33 -5.08
C ARG A 14 -0.24 -6.73 -3.64
N SER A 15 0.21 -5.93 -2.69
CA SER A 15 -0.05 -6.20 -1.30
C SER A 15 -1.45 -5.69 -0.94
N CYS A 16 -1.76 -4.51 -1.42
CA CYS A 16 -3.05 -3.91 -1.17
C CYS A 16 -3.66 -3.48 -2.49
N NH2 A 17 -4.52 -4.30 -3.03
HN1 NH2 A 17 -4.75 -5.12 -2.53
HN2 NH2 A 17 -4.88 -4.09 -3.91
N GLY A 1 -0.99 -1.57 8.53
CA GLY A 1 -0.69 -2.36 7.34
C GLY A 1 -0.53 -1.45 6.14
N CYS A 2 -0.28 -2.04 5.00
CA CYS A 2 -0.02 -1.31 3.76
C CYS A 2 -1.28 -0.58 3.26
N CYS A 3 -2.45 -1.07 3.60
CA CYS A 3 -3.70 -0.47 3.15
C CYS A 3 -3.94 0.90 3.78
N SER A 4 -3.40 1.12 4.95
CA SER A 4 -3.56 2.40 5.61
C SER A 4 -2.37 3.31 5.29
N HIS A 5 -1.45 2.82 4.48
CA HIS A 5 -0.27 3.56 4.07
C HIS A 5 -0.38 3.91 2.58
N PRO A 6 -0.80 5.16 2.26
CA PRO A 6 -0.98 5.62 0.86
C PRO A 6 0.25 5.38 -0.01
N ALA A 7 1.42 5.71 0.51
CA ALA A 7 2.67 5.52 -0.22
C ALA A 7 2.87 4.05 -0.57
N CYS A 8 2.54 3.18 0.37
CA CYS A 8 2.68 1.75 0.17
C CYS A 8 1.64 1.27 -0.83
N SER A 9 0.42 1.77 -0.70
CA SER A 9 -0.67 1.40 -1.60
C SER A 9 -0.33 1.82 -3.04
N ARG A 10 0.34 2.95 -3.18
CA ARG A 10 0.77 3.47 -4.46
C ARG A 10 1.92 2.63 -5.02
N ARG A 11 2.87 2.28 -4.17
CA ARG A 11 4.03 1.51 -4.61
C ARG A 11 3.73 0.04 -4.82
N ARG A 12 3.18 -0.57 -3.82
CA ARG A 12 2.95 -1.99 -3.83
C ARG A 12 1.48 -2.32 -3.73
N ALA A 13 0.84 -2.46 -4.87
CA ALA A 13 -0.58 -2.79 -4.91
C ALA A 13 -0.79 -4.24 -4.51
N ARG A 14 0.26 -5.04 -4.62
CA ARG A 14 0.19 -6.45 -4.28
C ARG A 14 0.16 -6.64 -2.77
N SER A 15 0.44 -5.58 -2.04
CA SER A 15 0.48 -5.62 -0.62
C SER A 15 -0.84 -5.10 -0.03
N CYS A 16 -1.81 -4.83 -0.88
CA CYS A 16 -3.11 -4.38 -0.44
C CYS A 16 -4.20 -4.79 -1.44
N NH2 A 17 -4.35 -4.06 -2.52
HN1 NH2 A 17 -3.78 -3.26 -2.64
HN2 NH2 A 17 -5.03 -4.32 -3.16
N GLY A 1 0.25 -2.61 7.29
CA GLY A 1 -1.02 -2.27 6.68
C GLY A 1 -0.84 -1.24 5.58
N CYS A 2 -0.68 -1.69 4.36
CA CYS A 2 -0.46 -0.82 3.24
C CYS A 2 -1.75 -0.18 2.75
N CYS A 3 -2.87 -0.63 3.25
CA CYS A 3 -4.12 0.01 2.91
C CYS A 3 -4.36 1.19 3.86
N SER A 4 -3.60 1.20 4.95
CA SER A 4 -3.62 2.28 5.89
C SER A 4 -2.46 3.25 5.60
N HIS A 5 -1.57 2.83 4.72
CA HIS A 5 -0.44 3.64 4.35
C HIS A 5 -0.41 3.80 2.82
N PRO A 6 -0.97 4.92 2.33
CA PRO A 6 -1.12 5.21 0.89
C PRO A 6 0.17 5.07 0.07
N ALA A 7 1.31 5.40 0.66
CA ALA A 7 2.57 5.27 -0.02
C ALA A 7 2.87 3.82 -0.37
N CYS A 8 2.54 2.91 0.53
CA CYS A 8 2.82 1.50 0.29
C CYS A 8 1.90 0.95 -0.77
N SER A 9 0.62 1.32 -0.74
CA SER A 9 -0.34 0.85 -1.71
C SER A 9 -0.04 1.41 -3.10
N ARG A 10 0.49 2.63 -3.12
CA ARG A 10 0.88 3.28 -4.35
C ARG A 10 2.09 2.59 -4.96
N ARG A 11 3.08 2.29 -4.12
CA ARG A 11 4.29 1.63 -4.59
C ARG A 11 4.01 0.20 -5.01
N ARG A 12 3.26 -0.50 -4.20
CA ARG A 12 2.95 -1.87 -4.48
C ARG A 12 1.50 -2.15 -4.12
N ALA A 13 0.69 -2.37 -5.13
CA ALA A 13 -0.73 -2.64 -4.93
C ALA A 13 -0.94 -4.02 -4.31
N ARG A 14 0.03 -4.89 -4.53
CA ARG A 14 0.01 -6.27 -4.05
C ARG A 14 -0.08 -6.34 -2.52
N SER A 15 0.61 -5.45 -1.84
CA SER A 15 0.69 -5.50 -0.39
C SER A 15 -0.52 -4.84 0.31
N CYS A 16 -1.51 -4.43 -0.45
CA CYS A 16 -2.72 -3.89 0.10
C CYS A 16 -3.81 -4.95 0.00
N NH2 A 17 -3.99 -5.70 1.06
HN1 NH2 A 17 -3.47 -5.49 1.86
HN2 NH2 A 17 -4.64 -6.44 1.02
N GLY A 1 -1.24 -1.29 8.29
CA GLY A 1 -0.56 -2.00 7.21
C GLY A 1 -0.43 -1.11 6.00
N CYS A 2 -0.35 -1.69 4.83
CA CYS A 2 -0.20 -0.93 3.63
C CYS A 2 -1.51 -0.36 3.12
N CYS A 3 -2.63 -0.86 3.59
CA CYS A 3 -3.89 -0.25 3.23
C CYS A 3 -4.02 1.04 4.02
N SER A 4 -3.40 1.04 5.19
CA SER A 4 -3.35 2.19 6.07
C SER A 4 -2.37 3.23 5.49
N HIS A 5 -1.31 2.73 4.89
CA HIS A 5 -0.27 3.57 4.28
C HIS A 5 -0.46 3.72 2.77
N PRO A 6 -0.97 4.89 2.33
CA PRO A 6 -1.25 5.17 0.91
C PRO A 6 -0.05 4.87 0.01
N ALA A 7 1.13 5.36 0.40
CA ALA A 7 2.34 5.18 -0.37
C ALA A 7 2.71 3.71 -0.55
N CYS A 8 2.40 2.87 0.44
CA CYS A 8 2.75 1.46 0.32
C CYS A 8 1.90 0.79 -0.75
N SER A 9 0.61 1.13 -0.79
CA SER A 9 -0.27 0.58 -1.80
C SER A 9 -0.02 1.22 -3.17
N ARG A 10 0.42 2.47 -3.15
CA ARG A 10 0.73 3.18 -4.38
C ARG A 10 2.01 2.60 -5.00
N ARG A 11 2.99 2.33 -4.17
CA ARG A 11 4.24 1.77 -4.64
C ARG A 11 4.09 0.30 -4.98
N ARG A 12 3.45 -0.44 -4.12
CA ARG A 12 3.20 -1.85 -4.35
C ARG A 12 1.74 -2.16 -4.15
N ALA A 13 1.04 -2.34 -5.24
CA ALA A 13 -0.41 -2.57 -5.23
C ALA A 13 -0.74 -3.92 -4.61
N ARG A 14 0.21 -4.82 -4.64
CA ARG A 14 0.03 -6.17 -4.10
C ARG A 14 0.10 -6.17 -2.58
N SER A 15 0.32 -5.01 -2.00
CA SER A 15 0.42 -4.89 -0.56
C SER A 15 -0.96 -4.77 0.08
N CYS A 16 -1.96 -4.53 -0.72
CA CYS A 16 -3.29 -4.39 -0.21
C CYS A 16 -4.26 -5.05 -1.17
N NH2 A 17 -4.49 -6.32 -0.98
HN1 NH2 A 17 -4.04 -6.76 -0.22
HN2 NH2 A 17 -5.08 -6.79 -1.60
N GLY A 1 -0.52 0.11 8.98
CA GLY A 1 -0.30 -0.95 8.02
C GLY A 1 -0.11 -0.41 6.63
N CYS A 2 0.42 -1.22 5.75
CA CYS A 2 0.78 -0.83 4.39
C CYS A 2 -0.43 -0.41 3.56
N CYS A 3 -1.56 -1.06 3.76
CA CYS A 3 -2.74 -0.79 2.96
C CYS A 3 -3.52 0.40 3.53
N SER A 4 -3.06 0.88 4.67
CA SER A 4 -3.67 1.99 5.33
C SER A 4 -2.72 3.21 5.22
N HIS A 5 -1.71 3.04 4.41
CA HIS A 5 -0.71 4.04 4.21
C HIS A 5 -0.57 4.25 2.69
N PRO A 6 -1.21 5.32 2.15
CA PRO A 6 -1.29 5.62 0.69
C PRO A 6 -0.03 5.28 -0.13
N ALA A 7 1.12 5.73 0.34
CA ALA A 7 2.38 5.49 -0.33
C ALA A 7 2.64 4.00 -0.50
N CYS A 8 2.48 3.26 0.58
CA CYS A 8 2.75 1.84 0.56
C CYS A 8 1.65 1.12 -0.22
N SER A 9 0.43 1.63 -0.12
CA SER A 9 -0.72 1.04 -0.79
C SER A 9 -0.57 1.08 -2.32
N ARG A 10 -0.05 2.18 -2.84
CA ARG A 10 0.13 2.31 -4.28
C ARG A 10 1.48 1.77 -4.72
N ARG A 11 2.44 1.72 -3.82
CA ARG A 11 3.75 1.18 -4.13
C ARG A 11 3.67 -0.34 -4.18
N ARG A 12 3.13 -0.91 -3.13
CA ARG A 12 2.96 -2.33 -3.02
C ARG A 12 1.49 -2.63 -3.35
N ALA A 13 1.16 -2.37 -4.59
CA ALA A 13 -0.20 -2.46 -5.06
C ALA A 13 -0.64 -3.90 -5.27
N ARG A 14 0.30 -4.82 -5.26
CA ARG A 14 -0.03 -6.22 -5.38
C ARG A 14 -0.49 -6.77 -4.04
N SER A 15 0.03 -6.24 -2.96
CA SER A 15 -0.42 -6.67 -1.66
C SER A 15 -1.60 -5.81 -1.21
N CYS A 16 -1.58 -4.56 -1.60
CA CYS A 16 -2.67 -3.66 -1.28
C CYS A 16 -3.42 -3.25 -2.55
N NH2 A 17 -2.99 -2.18 -3.19
HN1 NH2 A 17 -2.24 -1.65 -2.85
HN2 NH2 A 17 -3.46 -1.94 -4.03
N GLY A 1 0.61 -1.73 7.97
CA GLY A 1 -0.65 -1.56 7.22
C GLY A 1 -0.43 -0.71 5.98
N CYS A 2 -0.22 -1.35 4.87
CA CYS A 2 0.05 -0.66 3.64
C CYS A 2 -1.18 -0.07 3.02
N CYS A 3 -2.32 -0.62 3.27
CA CYS A 3 -3.54 -0.08 2.70
C CYS A 3 -4.02 1.13 3.50
N SER A 4 -3.52 1.24 4.71
CA SER A 4 -3.80 2.38 5.55
C SER A 4 -2.80 3.51 5.25
N HIS A 5 -1.72 3.17 4.57
CA HIS A 5 -0.67 4.12 4.28
C HIS A 5 -0.53 4.26 2.76
N PRO A 6 -1.13 5.32 2.16
CA PRO A 6 -1.14 5.57 0.69
C PRO A 6 0.20 5.33 -0.01
N ALA A 7 1.29 5.69 0.67
CA ALA A 7 2.63 5.49 0.16
C ALA A 7 2.86 4.01 -0.21
N CYS A 8 2.53 3.13 0.72
CA CYS A 8 2.76 1.72 0.50
C CYS A 8 1.63 1.15 -0.38
N SER A 9 0.47 1.80 -0.34
CA SER A 9 -0.68 1.40 -1.15
C SER A 9 -0.33 1.49 -2.63
N ARG A 10 0.36 2.57 -3.00
CA ARG A 10 0.75 2.75 -4.38
C ARG A 10 2.09 2.09 -4.67
N ARG A 11 2.93 1.94 -3.61
CA ARG A 11 4.20 1.23 -3.73
C ARG A 11 3.94 -0.17 -4.25
N ARG A 12 3.15 -0.93 -3.52
CA ARG A 12 2.82 -2.24 -3.94
C ARG A 12 1.38 -2.61 -3.62
N ALA A 13 0.54 -2.30 -4.58
CA ALA A 13 -0.89 -2.51 -4.47
C ALA A 13 -1.25 -3.98 -4.47
N ARG A 14 -0.43 -4.78 -5.14
CA ARG A 14 -0.67 -6.22 -5.23
C ARG A 14 -0.39 -6.91 -3.89
N SER A 15 0.26 -6.19 -2.99
CA SER A 15 0.55 -6.71 -1.67
C SER A 15 -0.33 -5.97 -0.65
N CYS A 16 -1.18 -5.12 -1.16
CA CYS A 16 -2.08 -4.33 -0.36
C CYS A 16 -3.47 -4.89 -0.53
N NH2 A 17 -3.81 -5.88 0.28
HN1 NH2 A 17 -3.15 -6.15 0.94
HN2 NH2 A 17 -4.69 -6.29 0.17
N GLY A 1 -0.24 -1.56 8.39
CA GLY A 1 -0.17 -2.17 7.07
C GLY A 1 -0.11 -1.10 5.99
N CYS A 2 0.58 -1.41 4.91
CA CYS A 2 0.77 -0.49 3.80
C CYS A 2 -0.53 -0.04 3.16
N CYS A 3 -1.54 -0.86 3.16
CA CYS A 3 -2.79 -0.50 2.53
C CYS A 3 -3.57 0.59 3.30
N SER A 4 -3.05 1.00 4.45
CA SER A 4 -3.64 2.09 5.21
C SER A 4 -2.71 3.31 5.15
N HIS A 5 -1.69 3.20 4.33
CA HIS A 5 -0.73 4.26 4.13
C HIS A 5 -0.57 4.47 2.63
N PRO A 6 -1.20 5.54 2.07
CA PRO A 6 -1.27 5.81 0.62
C PRO A 6 -0.02 5.45 -0.17
N ALA A 7 1.13 5.97 0.27
CA ALA A 7 2.39 5.74 -0.43
C ALA A 7 2.73 4.25 -0.54
N CYS A 8 2.65 3.52 0.55
CA CYS A 8 3.01 2.12 0.52
C CYS A 8 1.89 1.30 -0.12
N SER A 9 0.67 1.81 -0.04
CA SER A 9 -0.49 1.16 -0.64
C SER A 9 -0.38 1.20 -2.18
N ARG A 10 0.23 2.26 -2.69
CA ARG A 10 0.40 2.42 -4.12
C ARG A 10 1.63 1.69 -4.60
N ARG A 11 2.73 1.82 -3.86
CA ARG A 11 3.97 1.16 -4.25
C ARG A 11 3.85 -0.34 -4.10
N ARG A 12 3.23 -0.77 -3.03
CA ARG A 12 2.96 -2.16 -2.83
C ARG A 12 1.49 -2.42 -3.08
N ALA A 13 1.07 -2.09 -4.29
CA ALA A 13 -0.32 -2.23 -4.70
C ALA A 13 -0.77 -3.66 -4.67
N ARG A 14 0.19 -4.57 -4.82
CA ARG A 14 -0.10 -5.99 -4.85
C ARG A 14 -0.27 -6.57 -3.46
N SER A 15 -0.05 -5.75 -2.45
CA SER A 15 -0.26 -6.18 -1.09
C SER A 15 -1.72 -5.92 -0.73
N CYS A 16 -2.36 -5.07 -1.50
CA CYS A 16 -3.74 -4.74 -1.28
C CYS A 16 -4.64 -5.69 -2.07
N NH2 A 17 -4.97 -6.81 -1.46
HN1 NH2 A 17 -4.65 -6.95 -0.54
HN2 NH2 A 17 -5.52 -7.46 -1.94
N GLY A 1 1.15 -1.42 7.90
CA GLY A 1 0.39 -1.98 6.80
C GLY A 1 0.24 -0.97 5.70
N CYS A 2 0.33 -1.42 4.47
CA CYS A 2 0.34 -0.56 3.33
C CYS A 2 -1.06 -0.28 2.78
N CYS A 3 -2.03 -1.08 3.17
CA CYS A 3 -3.39 -0.97 2.61
C CYS A 3 -4.04 0.34 3.02
N SER A 4 -3.64 0.84 4.16
CA SER A 4 -4.18 2.06 4.69
C SER A 4 -3.10 3.14 4.75
N HIS A 5 -2.04 2.96 3.99
CA HIS A 5 -0.94 3.90 3.99
C HIS A 5 -0.62 4.27 2.54
N PRO A 6 -1.13 5.45 2.09
CA PRO A 6 -1.00 5.96 0.72
C PRO A 6 0.34 5.68 0.03
N ALA A 7 1.43 6.07 0.68
CA ALA A 7 2.77 5.90 0.13
C ALA A 7 3.07 4.43 -0.18
N CYS A 8 2.75 3.56 0.73
CA CYS A 8 3.09 2.17 0.54
C CYS A 8 2.05 1.49 -0.35
N SER A 9 0.84 2.00 -0.37
CA SER A 9 -0.19 1.48 -1.24
C SER A 9 0.15 1.83 -2.69
N ARG A 10 0.73 3.00 -2.87
CA ARG A 10 1.17 3.47 -4.18
C ARG A 10 2.44 2.71 -4.59
N ARG A 11 3.22 2.36 -3.59
CA ARG A 11 4.40 1.53 -3.76
C ARG A 11 4.00 0.11 -4.20
N ARG A 12 3.14 -0.51 -3.42
CA ARG A 12 2.68 -1.85 -3.72
C ARG A 12 1.20 -1.99 -3.38
N ALA A 13 0.41 -2.27 -4.38
CA ALA A 13 -1.01 -2.49 -4.19
C ALA A 13 -1.27 -3.97 -3.98
N ARG A 14 -0.36 -4.79 -4.50
CA ARG A 14 -0.49 -6.25 -4.49
C ARG A 14 -0.43 -6.88 -3.08
N SER A 15 -0.13 -6.08 -2.09
CA SER A 15 -0.11 -6.56 -0.73
C SER A 15 -1.54 -6.58 -0.18
N CYS A 16 -2.44 -5.93 -0.90
CA CYS A 16 -3.79 -5.79 -0.50
C CYS A 16 -4.72 -6.23 -1.64
N NH2 A 17 -4.94 -7.53 -1.74
HN1 NH2 A 17 -4.55 -8.13 -1.08
HN2 NH2 A 17 -5.52 -7.83 -2.48
N GLY A 1 -0.23 -2.25 8.33
CA GLY A 1 -0.37 -2.70 6.95
C GLY A 1 -0.30 -1.53 6.01
N CYS A 2 -0.17 -1.80 4.73
CA CYS A 2 -0.05 -0.75 3.75
C CYS A 2 -1.39 -0.23 3.25
N CYS A 3 -2.48 -0.79 3.75
CA CYS A 3 -3.81 -0.41 3.26
C CYS A 3 -4.13 0.99 3.75
N SER A 4 -3.64 1.31 4.93
CA SER A 4 -3.85 2.59 5.56
C SER A 4 -2.62 3.49 5.40
N HIS A 5 -1.72 3.10 4.52
CA HIS A 5 -0.55 3.88 4.24
C HIS A 5 -0.40 4.03 2.72
N PRO A 6 -0.97 5.14 2.17
CA PRO A 6 -1.05 5.39 0.72
C PRO A 6 0.24 5.16 -0.06
N ALA A 7 1.37 5.60 0.49
CA ALA A 7 2.66 5.46 -0.17
C ALA A 7 2.97 4.00 -0.50
N CYS A 8 2.70 3.14 0.44
CA CYS A 8 3.00 1.75 0.26
C CYS A 8 1.94 1.08 -0.62
N SER A 9 0.70 1.56 -0.53
CA SER A 9 -0.39 1.01 -1.33
C SER A 9 -0.20 1.39 -2.81
N ARG A 10 0.33 2.59 -3.05
CA ARG A 10 0.57 3.04 -4.41
C ARG A 10 1.79 2.33 -4.99
N ARG A 11 2.88 2.29 -4.23
CA ARG A 11 4.11 1.65 -4.70
C ARG A 11 3.94 0.14 -4.84
N ARG A 12 3.35 -0.48 -3.87
CA ARG A 12 3.11 -1.91 -3.91
C ARG A 12 1.64 -2.19 -3.98
N ALA A 13 1.12 -2.41 -5.16
CA ALA A 13 -0.30 -2.68 -5.36
C ALA A 13 -0.64 -4.06 -4.82
N ARG A 14 0.37 -4.87 -4.68
CA ARG A 14 0.24 -6.23 -4.18
C ARG A 14 0.14 -6.28 -2.65
N SER A 15 0.18 -5.13 -2.00
CA SER A 15 0.15 -5.11 -0.56
C SER A 15 -1.26 -5.44 -0.04
N CYS A 16 -2.25 -4.76 -0.57
CA CYS A 16 -3.61 -4.99 -0.17
C CYS A 16 -4.47 -5.26 -1.40
N NH2 A 17 -4.88 -4.21 -2.09
HN1 NH2 A 17 -4.66 -3.31 -1.76
HN2 NH2 A 17 -5.39 -4.37 -2.91
N GLY A 1 -0.64 -1.20 8.64
CA GLY A 1 0.03 -1.83 7.51
C GLY A 1 -0.11 -0.98 6.28
N CYS A 2 0.27 -1.53 5.16
CA CYS A 2 0.26 -0.81 3.89
C CYS A 2 -1.12 -0.47 3.37
N CYS A 3 -2.15 -1.08 3.90
CA CYS A 3 -3.49 -0.82 3.40
C CYS A 3 -3.97 0.56 3.85
N SER A 4 -3.46 1.04 4.98
CA SER A 4 -3.83 2.35 5.48
C SER A 4 -2.75 3.39 5.12
N HIS A 5 -1.73 2.95 4.40
CA HIS A 5 -0.63 3.81 4.00
C HIS A 5 -0.63 3.99 2.48
N PRO A 6 -1.19 5.13 1.99
CA PRO A 6 -1.28 5.42 0.54
C PRO A 6 0.06 5.27 -0.18
N ALA A 7 1.14 5.67 0.48
CA ALA A 7 2.48 5.57 -0.07
C ALA A 7 2.83 4.11 -0.39
N CYS A 8 2.61 3.22 0.56
CA CYS A 8 2.93 1.83 0.36
C CYS A 8 1.93 1.19 -0.61
N SER A 9 0.69 1.69 -0.61
CA SER A 9 -0.33 1.19 -1.54
C SER A 9 0.04 1.58 -2.98
N ARG A 10 0.71 2.71 -3.13
CA ARG A 10 1.13 3.20 -4.42
C ARG A 10 2.40 2.48 -4.87
N ARG A 11 3.24 2.18 -3.92
CA ARG A 11 4.48 1.48 -4.20
C ARG A 11 4.21 0.02 -4.53
N ARG A 12 3.25 -0.56 -3.83
CA ARG A 12 2.87 -1.91 -4.07
C ARG A 12 1.36 -2.09 -3.85
N ALA A 13 0.62 -2.13 -4.93
CA ALA A 13 -0.83 -2.35 -4.89
C ALA A 13 -1.12 -3.83 -4.76
N ARG A 14 -0.08 -4.62 -4.79
CA ARG A 14 -0.16 -6.06 -4.61
C ARG A 14 -0.05 -6.44 -3.14
N SER A 15 0.10 -5.44 -2.27
CA SER A 15 0.15 -5.69 -0.84
C SER A 15 -1.24 -6.12 -0.34
N CYS A 16 -2.24 -5.40 -0.79
CA CYS A 16 -3.63 -5.71 -0.56
C CYS A 16 -4.49 -5.10 -1.67
N NH2 A 17 -4.61 -5.81 -2.77
HN1 NH2 A 17 -4.20 -6.70 -2.77
HN2 NH2 A 17 -5.12 -5.43 -3.51
N GLY A 1 0.24 -2.40 7.89
CA GLY A 1 -0.56 -2.69 6.71
C GLY A 1 -0.50 -1.58 5.70
N CYS A 2 -0.29 -1.92 4.44
CA CYS A 2 -0.15 -0.97 3.38
C CYS A 2 -1.47 -0.35 2.93
N CYS A 3 -2.59 -0.80 3.47
CA CYS A 3 -3.85 -0.17 3.15
C CYS A 3 -4.10 1.01 4.08
N SER A 4 -3.25 1.13 5.09
CA SER A 4 -3.29 2.24 6.00
C SER A 4 -2.22 3.26 5.58
N HIS A 5 -1.50 2.91 4.53
CA HIS A 5 -0.38 3.69 4.04
C HIS A 5 -0.52 3.91 2.55
N PRO A 6 -1.05 5.08 2.12
CA PRO A 6 -1.24 5.38 0.69
C PRO A 6 0.04 5.26 -0.13
N ALA A 7 1.18 5.54 0.50
CA ALA A 7 2.46 5.41 -0.15
C ALA A 7 2.71 3.97 -0.53
N CYS A 8 2.42 3.07 0.40
CA CYS A 8 2.62 1.67 0.15
C CYS A 8 1.50 1.13 -0.74
N SER A 9 0.32 1.76 -0.68
CA SER A 9 -0.81 1.36 -1.55
C SER A 9 -0.43 1.57 -3.03
N ARG A 10 0.29 2.66 -3.29
CA ARG A 10 0.74 2.98 -4.62
C ARG A 10 1.96 2.15 -4.99
N ARG A 11 2.97 2.16 -4.14
CA ARG A 11 4.23 1.49 -4.43
C ARG A 11 4.08 -0.03 -4.46
N ARG A 12 3.27 -0.56 -3.58
CA ARG A 12 3.08 -1.98 -3.49
C ARG A 12 1.60 -2.32 -3.58
N ALA A 13 1.14 -2.48 -4.79
CA ALA A 13 -0.26 -2.76 -5.05
C ALA A 13 -0.62 -4.16 -4.54
N ARG A 14 0.37 -5.03 -4.49
CA ARG A 14 0.20 -6.41 -4.04
C ARG A 14 -0.06 -6.44 -2.53
N SER A 15 0.39 -5.41 -1.85
CA SER A 15 0.30 -5.35 -0.41
C SER A 15 -0.99 -4.64 0.06
N CYS A 16 -1.89 -4.38 -0.87
CA CYS A 16 -3.14 -3.79 -0.51
C CYS A 16 -4.25 -4.34 -1.40
N NH2 A 17 -4.38 -3.82 -2.59
HN1 NH2 A 17 -3.78 -3.09 -2.87
HN2 NH2 A 17 -5.07 -4.19 -3.19
N GLY A 1 -0.64 -0.14 8.98
CA GLY A 1 -0.52 -1.19 7.97
C GLY A 1 -0.48 -0.63 6.58
N CYS A 2 0.10 -1.37 5.67
CA CYS A 2 0.30 -0.94 4.30
C CYS A 2 -0.97 -0.82 3.47
N CYS A 3 -2.09 -1.24 3.98
CA CYS A 3 -3.29 -1.07 3.22
C CYS A 3 -3.91 0.28 3.59
N SER A 4 -3.57 0.76 4.77
CA SER A 4 -4.04 2.03 5.26
C SER A 4 -2.98 3.11 5.01
N HIS A 5 -1.84 2.69 4.52
CA HIS A 5 -0.76 3.60 4.18
C HIS A 5 -0.67 3.71 2.68
N PRO A 6 -1.13 4.85 2.12
CA PRO A 6 -1.11 5.11 0.68
C PRO A 6 0.24 4.85 0.04
N ALA A 7 1.32 5.13 0.77
CA ALA A 7 2.68 4.94 0.28
C ALA A 7 2.91 3.51 -0.19
N CYS A 8 2.51 2.55 0.62
CA CYS A 8 2.66 1.14 0.28
C CYS A 8 1.79 0.80 -0.92
N SER A 9 0.56 1.30 -0.92
CA SER A 9 -0.39 1.01 -1.98
C SER A 9 0.02 1.65 -3.33
N ARG A 10 0.73 2.76 -3.25
CA ARG A 10 1.21 3.45 -4.43
C ARG A 10 2.50 2.85 -4.92
N ARG A 11 3.26 2.29 -3.99
CA ARG A 11 4.48 1.61 -4.33
C ARG A 11 4.14 0.31 -5.04
N ARG A 12 3.33 -0.50 -4.39
CA ARG A 12 2.90 -1.77 -4.91
C ARG A 12 1.44 -1.97 -4.62
N ALA A 13 0.65 -2.15 -5.66
CA ALA A 13 -0.78 -2.35 -5.52
C ALA A 13 -1.08 -3.67 -4.81
N ARG A 14 -0.12 -4.59 -4.85
CA ARG A 14 -0.24 -5.89 -4.20
C ARG A 14 -0.10 -5.80 -2.68
N SER A 15 0.10 -4.60 -2.14
CA SER A 15 0.24 -4.40 -0.70
C SER A 15 -0.97 -4.98 0.06
N CYS A 16 -2.14 -4.88 -0.53
CA CYS A 16 -3.32 -5.52 0.01
C CYS A 16 -4.26 -5.96 -1.11
N NH2 A 17 -4.17 -7.21 -1.49
HN1 NH2 A 17 -3.56 -7.80 -1.00
HN2 NH2 A 17 -4.72 -7.52 -2.24
N GLY A 1 -0.70 -2.84 7.78
CA GLY A 1 -0.50 -3.18 6.38
C GLY A 1 -0.42 -1.93 5.53
N CYS A 2 -0.41 -2.08 4.23
CA CYS A 2 -0.26 -0.95 3.35
C CYS A 2 -1.57 -0.31 2.94
N CYS A 3 -2.70 -0.82 3.39
CA CYS A 3 -3.97 -0.19 3.04
C CYS A 3 -4.19 1.10 3.83
N SER A 4 -3.54 1.20 4.98
CA SER A 4 -3.60 2.41 5.76
C SER A 4 -2.43 3.33 5.42
N HIS A 5 -1.59 2.87 4.51
CA HIS A 5 -0.40 3.58 4.10
C HIS A 5 -0.44 3.83 2.61
N PRO A 6 -1.00 4.99 2.19
CA PRO A 6 -1.20 5.36 0.77
C PRO A 6 0.04 5.17 -0.10
N ALA A 7 1.21 5.57 0.38
CA ALA A 7 2.43 5.46 -0.42
C ALA A 7 2.83 4.01 -0.65
N CYS A 8 2.66 3.17 0.36
CA CYS A 8 2.98 1.76 0.21
C CYS A 8 1.99 1.11 -0.75
N SER A 9 0.73 1.52 -0.66
CA SER A 9 -0.30 1.00 -1.52
C SER A 9 -0.05 1.46 -2.97
N ARG A 10 0.41 2.70 -3.11
CA ARG A 10 0.77 3.29 -4.40
C ARG A 10 1.92 2.51 -5.03
N ARG A 11 2.92 2.21 -4.23
CA ARG A 11 4.11 1.54 -4.70
C ARG A 11 3.87 0.05 -4.92
N ARG A 12 3.33 -0.60 -3.93
CA ARG A 12 3.08 -2.02 -3.98
C ARG A 12 1.63 -2.30 -3.69
N ALA A 13 0.83 -2.36 -4.73
CA ALA A 13 -0.60 -2.59 -4.61
C ALA A 13 -0.90 -4.04 -4.22
N ARG A 14 0.13 -4.86 -4.27
CA ARG A 14 0.06 -6.24 -3.85
C ARG A 14 0.01 -6.29 -2.31
N SER A 15 0.50 -5.23 -1.69
CA SER A 15 0.55 -5.12 -0.24
C SER A 15 -0.75 -4.52 0.32
N CYS A 16 -1.74 -4.40 -0.52
CA CYS A 16 -3.01 -3.87 -0.11
C CYS A 16 -4.12 -4.61 -0.84
N NH2 A 17 -4.66 -5.62 -0.22
HN1 NH2 A 17 -4.34 -5.81 0.68
HN2 NH2 A 17 -5.36 -6.14 -0.68
N GLY A 1 -0.90 0.34 9.90
CA GLY A 1 -1.33 -0.52 8.79
C GLY A 1 -0.74 -0.03 7.50
N CYS A 2 0.07 -0.86 6.90
CA CYS A 2 0.78 -0.53 5.66
C CYS A 2 -0.23 -0.26 4.55
N CYS A 3 -1.17 -1.15 4.37
CA CYS A 3 -2.15 -1.06 3.30
C CYS A 3 -3.17 0.06 3.51
N SER A 4 -3.19 0.62 4.68
CA SER A 4 -4.05 1.74 4.96
C SER A 4 -3.26 3.03 4.80
N HIS A 5 -2.01 2.90 4.42
CA HIS A 5 -1.14 4.01 4.20
C HIS A 5 -0.84 4.12 2.70
N PRO A 6 -1.05 5.32 2.12
CA PRO A 6 -0.87 5.61 0.68
C PRO A 6 0.39 5.01 0.04
N ALA A 7 1.54 5.15 0.70
CA ALA A 7 2.81 4.70 0.15
C ALA A 7 2.79 3.21 -0.20
N CYS A 8 2.30 2.40 0.71
CA CYS A 8 2.26 0.95 0.50
C CYS A 8 1.32 0.62 -0.66
N SER A 9 0.16 1.25 -0.67
CA SER A 9 -0.87 0.98 -1.65
C SER A 9 -0.50 1.47 -3.05
N ARG A 10 0.25 2.55 -3.14
CA ARG A 10 0.63 3.09 -4.42
C ARG A 10 1.86 2.40 -4.97
N ARG A 11 2.77 2.06 -4.09
CA ARG A 11 3.99 1.41 -4.51
C ARG A 11 3.76 -0.07 -4.82
N ARG A 12 2.92 -0.73 -4.06
CA ARG A 12 2.66 -2.13 -4.29
C ARG A 12 1.16 -2.42 -4.23
N ALA A 13 0.49 -2.33 -5.35
CA ALA A 13 -0.95 -2.63 -5.44
C ALA A 13 -1.20 -4.13 -5.26
N ARG A 14 -0.16 -4.90 -5.52
CA ARG A 14 -0.17 -6.34 -5.32
C ARG A 14 -0.14 -6.65 -3.82
N SER A 15 0.49 -5.78 -3.07
CA SER A 15 0.60 -5.95 -1.65
C SER A 15 -0.70 -5.47 -1.02
N CYS A 16 -1.09 -4.29 -1.42
CA CYS A 16 -2.26 -3.66 -0.88
C CYS A 16 -3.20 -3.28 -2.01
N NH2 A 17 -4.16 -4.13 -2.29
HN1 NH2 A 17 -4.25 -4.93 -1.74
HN2 NH2 A 17 -4.75 -3.93 -3.05
N GLY A 1 -1.89 -1.55 9.00
CA GLY A 1 -0.52 -1.46 8.51
C GLY A 1 -0.47 -0.65 7.22
N CYS A 2 0.16 -1.19 6.20
CA CYS A 2 0.33 -0.52 4.92
C CYS A 2 -0.97 -0.26 4.17
N CYS A 3 -2.05 -0.89 4.58
CA CYS A 3 -3.32 -0.62 3.94
C CYS A 3 -3.90 0.72 4.41
N SER A 4 -3.27 1.32 5.41
CA SER A 4 -3.63 2.64 5.86
C SER A 4 -2.60 3.65 5.33
N HIS A 5 -1.71 3.17 4.49
CA HIS A 5 -0.65 3.99 3.95
C HIS A 5 -0.74 4.03 2.43
N PRO A 6 -1.11 5.18 1.87
CA PRO A 6 -1.20 5.37 0.41
C PRO A 6 0.14 5.09 -0.26
N ALA A 7 1.21 5.41 0.45
CA ALA A 7 2.57 5.17 0.00
C ALA A 7 2.78 3.70 -0.34
N CYS A 8 2.35 2.83 0.56
CA CYS A 8 2.54 1.40 0.37
C CYS A 8 1.69 0.88 -0.77
N SER A 9 0.45 1.31 -0.82
CA SER A 9 -0.50 0.83 -1.80
C SER A 9 -0.24 1.41 -3.21
N ARG A 10 0.43 2.54 -3.27
CA ARG A 10 0.84 3.10 -4.54
C ARG A 10 2.17 2.54 -4.98
N ARG A 11 3.00 2.14 -4.03
CA ARG A 11 4.25 1.47 -4.35
C ARG A 11 3.92 0.08 -4.88
N ARG A 12 3.19 -0.67 -4.07
CA ARG A 12 2.84 -2.03 -4.38
C ARG A 12 1.35 -2.22 -4.20
N ALA A 13 0.65 -2.27 -5.29
CA ALA A 13 -0.79 -2.48 -5.26
C ALA A 13 -1.10 -3.97 -5.18
N ARG A 14 -0.05 -4.77 -5.22
CA ARG A 14 -0.17 -6.21 -5.17
C ARG A 14 -0.32 -6.69 -3.74
N SER A 15 0.48 -6.11 -2.86
CA SER A 15 0.49 -6.49 -1.46
C SER A 15 -0.78 -6.01 -0.75
N CYS A 16 -1.33 -4.92 -1.20
CA CYS A 16 -2.57 -4.42 -0.68
C CYS A 16 -3.30 -3.68 -1.78
N NH2 A 17 -4.19 -4.39 -2.45
HN1 NH2 A 17 -4.35 -5.31 -2.18
HN2 NH2 A 17 -4.65 -3.95 -3.21
N GLY A 1 -0.37 -3.47 7.71
CA GLY A 1 -1.43 -2.48 7.56
C GLY A 1 -0.92 -1.18 6.97
N CYS A 2 0.04 -1.24 6.04
CA CYS A 2 0.57 -0.01 5.48
C CYS A 2 -0.24 0.40 4.26
N CYS A 3 -1.19 -0.44 3.87
CA CYS A 3 -2.04 -0.14 2.71
C CYS A 3 -3.13 0.85 3.11
N SER A 4 -3.11 1.25 4.37
CA SER A 4 -3.97 2.27 4.87
C SER A 4 -3.24 3.62 4.72
N HIS A 5 -1.99 3.53 4.28
CA HIS A 5 -1.15 4.67 4.05
C HIS A 5 -0.82 4.75 2.55
N PRO A 6 -1.08 5.90 1.92
CA PRO A 6 -0.92 6.12 0.47
C PRO A 6 0.40 5.58 -0.12
N ALA A 7 1.51 5.78 0.57
CA ALA A 7 2.83 5.37 0.06
C ALA A 7 2.91 3.90 -0.26
N CYS A 8 2.49 3.05 0.66
CA CYS A 8 2.56 1.62 0.42
C CYS A 8 1.57 1.18 -0.64
N SER A 9 0.40 1.80 -0.65
CA SER A 9 -0.62 1.50 -1.63
C SER A 9 -0.16 1.88 -3.05
N ARG A 10 0.61 2.95 -3.14
CA ARG A 10 1.13 3.41 -4.42
C ARG A 10 2.38 2.66 -4.80
N ARG A 11 3.08 2.15 -3.81
CA ARG A 11 4.26 1.37 -4.07
C ARG A 11 3.87 -0.03 -4.53
N ARG A 12 3.13 -0.74 -3.71
CA ARG A 12 2.68 -2.07 -4.02
C ARG A 12 1.25 -2.25 -3.56
N ALA A 13 0.32 -2.22 -4.48
CA ALA A 13 -1.09 -2.40 -4.17
C ALA A 13 -1.48 -3.87 -4.24
N ARG A 14 -0.70 -4.61 -5.00
CA ARG A 14 -0.97 -6.02 -5.23
C ARG A 14 -0.74 -6.85 -3.98
N SER A 15 0.12 -6.37 -3.11
CA SER A 15 0.45 -7.04 -1.88
C SER A 15 -0.56 -6.66 -0.76
N CYS A 16 -1.56 -5.90 -1.13
CA CYS A 16 -2.58 -5.46 -0.20
C CYS A 16 -3.83 -6.28 -0.39
N NH2 A 17 -3.95 -7.34 0.39
HN1 NH2 A 17 -3.23 -7.51 1.04
HN2 NH2 A 17 -4.73 -7.90 0.28
#